data_5JGB
#
_entry.id   5JGB
#
_cell.length_a   58.711
_cell.length_b   134.970
_cell.length_c   143.169
_cell.angle_alpha   90.000
_cell.angle_beta   90.000
_cell.angle_gamma   90.000
#
_symmetry.space_group_name_H-M   'I 2 2 2'
#
loop_
_entity.id
_entity.type
_entity.pdbx_description
1 polymer 'TAK1 kinase - TAB1 chimera fusion protein'
2 non-polymer N-(2-methoxy-4-{[3-(4-methylpiperazin-1-yl)propyl]carbamoyl}phenyl)-4-oxo-3,4-dihydrothieno[3,2-d]pyrimidine-7-carboxamide
3 water water
#
_entity_poly.entity_id   1
_entity_poly.type   'polypeptide(L)'
_entity_poly.pdbx_seq_one_letter_code
;GPLHMIDYKEIEVEEVVGRGAFGVVCKAKWRAKDVAIKQIESESERKAFIVELRQLSRVNHPNIVKLYGACLNPVCLVME
YAEGGSLYNVLHGAEPLPYYTAAHAMSWCLQCSQGVAYLHSMQPKALIHRDLKPPNLLLVAGGTVLKICDFGTACDIQTH
MTNNKGSAAWMAPEVFEGSNYSEKCDVFSWGIILWEVITRRKPFDEIGGPAFRIMWAVHNGTRPPLIKNLPKPIESLMTR
CWSKDPSQRPSMEEIVKIMTHLMRYFPGADEPLQYPCQHSLPPGEDGRVEPYVDFAEFYRLWSVDHGEQSVVTAP
;
_entity_poly.pdbx_strand_id   A
#
# COMPACT_ATOMS: atom_id res chain seq x y z
N GLY A 1 -16.02 8.55 16.34
CA GLY A 1 -15.35 9.64 15.56
C GLY A 1 -16.33 10.57 14.87
N PRO A 2 -16.31 11.89 15.24
CA PRO A 2 -17.23 12.90 14.69
C PRO A 2 -16.98 13.25 13.21
N LEU A 3 -18.07 13.34 12.44
CA LEU A 3 -18.03 13.59 10.99
C LEU A 3 -19.25 14.39 10.50
N HIS A 4 -19.11 15.05 9.35
CA HIS A 4 -20.13 15.91 8.77
C HIS A 4 -21.17 15.17 7.92
N MET A 5 -22.38 15.71 7.88
CA MET A 5 -23.40 15.27 6.92
C MET A 5 -23.42 16.28 5.79
N ILE A 6 -23.04 15.83 4.60
CA ILE A 6 -22.82 16.72 3.47
C ILE A 6 -24.08 16.87 2.62
N ASP A 7 -24.41 18.13 2.33
CA ASP A 7 -25.40 18.50 1.33
C ASP A 7 -24.72 18.42 -0.05
N TYR A 8 -25.31 17.66 -0.97
CA TYR A 8 -24.76 17.44 -2.32
C TYR A 8 -24.61 18.72 -3.17
N LYS A 9 -25.43 19.73 -2.86
CA LYS A 9 -25.37 21.05 -3.49
C LYS A 9 -24.06 21.79 -3.18
N GLU A 10 -23.48 21.54 -2.00
CA GLU A 10 -22.18 22.09 -1.60
C GLU A 10 -20.99 21.43 -2.33
N ILE A 11 -21.23 20.26 -2.92
CA ILE A 11 -20.23 19.51 -3.69
C ILE A 11 -20.18 20.00 -5.14
N GLU A 12 -18.97 20.27 -5.62
CA GLU A 12 -18.73 20.61 -7.02
C GLU A 12 -17.77 19.60 -7.67
N VAL A 13 -18.35 18.59 -8.33
CA VAL A 13 -17.60 17.50 -8.99
C VAL A 13 -16.78 18.03 -10.19
N GLU A 14 -15.47 17.79 -10.15
CA GLU A 14 -14.58 18.20 -11.24
C GLU A 14 -14.36 17.07 -12.26
N GLU A 15 -13.43 16.15 -11.97
CA GLU A 15 -13.08 15.06 -12.90
C GLU A 15 -13.00 13.70 -12.21
N VAL A 16 -13.19 12.63 -12.99
CA VAL A 16 -13.02 11.25 -12.50
C VAL A 16 -11.52 10.91 -12.44
N VAL A 17 -11.06 10.50 -11.26
CA VAL A 17 -9.64 10.15 -11.05
C VAL A 17 -9.36 8.64 -11.08
N GLY A 18 -10.36 7.83 -10.72
CA GLY A 18 -10.20 6.38 -10.66
C GLY A 18 -11.45 5.61 -10.27
N ARG A 19 -11.30 4.29 -10.27
CA ARG A 19 -12.39 3.37 -9.94
C ARG A 19 -11.85 2.32 -8.97
N GLY A 20 -12.13 2.53 -7.69
CA GLY A 20 -11.65 1.66 -6.61
C GLY A 20 -12.27 0.27 -6.57
N ALA A 21 -12.15 -0.38 -5.41
CA ALA A 21 -12.72 -1.71 -5.17
C ALA A 21 -14.23 -1.74 -5.44
N PHE A 22 -14.92 -0.71 -4.92
CA PHE A 22 -16.33 -0.44 -5.21
C PHE A 22 -16.46 1.04 -5.56
N GLY A 23 -17.42 1.34 -6.42
CA GLY A 23 -17.74 2.73 -6.77
C GLY A 23 -16.72 3.47 -7.61
N VAL A 24 -16.92 4.79 -7.73
CA VAL A 24 -16.08 5.67 -8.55
C VAL A 24 -15.51 6.78 -7.68
N VAL A 25 -14.22 7.07 -7.85
CA VAL A 25 -13.56 8.17 -7.15
C VAL A 25 -13.41 9.37 -8.09
N CYS A 26 -13.77 10.55 -7.58
CA CYS A 26 -13.76 11.79 -8.37
C CYS A 26 -13.11 12.93 -7.60
N LYS A 27 -12.34 13.76 -8.30
CA LYS A 27 -11.83 15.01 -7.72
C LYS A 27 -12.96 16.04 -7.65
N ALA A 28 -13.03 16.77 -6.53
CA ALA A 28 -14.08 17.75 -6.30
C ALA A 28 -13.66 18.86 -5.33
N LYS A 29 -14.57 19.81 -5.11
CA LYS A 29 -14.38 20.88 -4.12
C LYS A 29 -15.59 20.94 -3.18
N TRP A 30 -15.30 21.23 -1.90
CA TRP A 30 -16.32 21.39 -0.86
C TRP A 30 -15.75 22.30 0.22
N ARG A 31 -16.41 23.45 0.42
CA ARG A 31 -16.00 24.48 1.39
C ARG A 31 -14.52 24.86 1.26
N ALA A 32 -14.16 25.37 0.07
CA ALA A 32 -12.78 25.74 -0.32
C ALA A 32 -11.78 24.57 -0.50
N LYS A 33 -11.89 23.54 0.35
CA LYS A 33 -11.00 22.37 0.34
C LYS A 33 -11.10 21.52 -0.93
N ASP A 34 -9.96 20.95 -1.33
CA ASP A 34 -9.92 19.92 -2.37
C ASP A 34 -10.23 18.56 -1.74
N VAL A 35 -11.28 17.92 -2.24
CA VAL A 35 -11.73 16.63 -1.70
C VAL A 35 -11.80 15.55 -2.77
N ALA A 36 -11.87 14.30 -2.33
CA ALA A 36 -12.15 13.16 -3.20
C ALA A 36 -13.45 12.51 -2.78
N ILE A 37 -14.25 12.11 -3.76
CA ILE A 37 -15.57 11.54 -3.53
C ILE A 37 -15.67 10.13 -4.07
N LYS A 38 -15.96 9.18 -3.19
CA LYS A 38 -16.26 7.82 -3.58
C LYS A 38 -17.77 7.70 -3.67
N GLN A 39 -18.30 7.51 -4.88
CA GLN A 39 -19.73 7.47 -5.12
C GLN A 39 -20.23 6.09 -5.54
N ILE A 40 -21.45 5.76 -5.09
CA ILE A 40 -22.13 4.49 -5.36
C ILE A 40 -22.44 4.27 -6.86
N GLU A 41 -22.30 3.02 -7.31
CA GLU A 41 -22.62 2.61 -8.68
C GLU A 41 -23.98 1.90 -8.73
N SER A 42 -24.03 0.71 -8.13
CA SER A 42 -25.25 -0.08 -8.02
C SER A 42 -25.76 -0.02 -6.59
N GLU A 43 -27.09 -0.03 -6.44
CA GLU A 43 -27.75 -0.02 -5.12
C GLU A 43 -27.34 -1.21 -4.22
N SER A 44 -26.76 -2.24 -4.84
CA SER A 44 -26.23 -3.43 -4.16
C SER A 44 -24.97 -3.16 -3.34
N GLU A 45 -24.20 -2.14 -3.73
CA GLU A 45 -22.97 -1.73 -3.04
C GLU A 45 -23.21 -1.12 -1.65
N ARG A 46 -24.48 -0.90 -1.30
CA ARG A 46 -24.89 -0.24 -0.05
C ARG A 46 -24.30 -0.84 1.23
N LYS A 47 -24.19 -2.17 1.28
CA LYS A 47 -23.60 -2.89 2.42
C LYS A 47 -22.11 -2.56 2.64
N ALA A 48 -21.38 -2.42 1.55
CA ALA A 48 -19.95 -2.07 1.57
C ALA A 48 -19.72 -0.63 2.05
N PHE A 49 -20.66 0.27 1.73
CA PHE A 49 -20.60 1.67 2.14
C PHE A 49 -20.79 1.87 3.64
N ILE A 50 -21.68 1.07 4.24
CA ILE A 50 -21.93 1.09 5.69
C ILE A 50 -20.66 0.64 6.45
N VAL A 51 -20.04 -0.44 5.96
CA VAL A 51 -18.81 -1.00 6.54
C VAL A 51 -17.65 0.02 6.50
N GLU A 52 -17.36 0.54 5.30
CA GLU A 52 -16.28 1.52 5.09
C GLU A 52 -16.49 2.82 5.86
N LEU A 53 -17.75 3.26 5.97
CA LEU A 53 -18.11 4.46 6.73
C LEU A 53 -17.98 4.24 8.24
N ARG A 54 -18.41 3.06 8.71
CA ARG A 54 -18.25 2.65 10.11
C ARG A 54 -16.77 2.64 10.51
N GLN A 55 -15.93 2.12 9.62
CA GLN A 55 -14.51 1.93 9.87
C GLN A 55 -13.67 3.21 9.76
N LEU A 56 -13.87 3.98 8.69
CA LEU A 56 -13.10 5.22 8.46
C LEU A 56 -13.33 6.31 9.52
N SER A 57 -14.54 6.34 10.06
CA SER A 57 -14.90 7.23 11.17
C SER A 57 -14.23 6.80 12.48
N ARG A 58 -14.14 5.48 12.67
CA ARG A 58 -13.52 4.87 13.84
C ARG A 58 -12.00 5.15 13.89
N VAL A 59 -11.35 5.12 12.73
CA VAL A 59 -9.89 5.27 12.64
C VAL A 59 -9.42 6.72 12.61
N ASN A 60 -8.26 6.97 13.21
CA ASN A 60 -7.62 8.28 13.21
C ASN A 60 -6.10 8.17 13.32
N HIS A 61 -5.41 8.40 12.21
CA HIS A 61 -3.97 8.17 12.09
C HIS A 61 -3.44 8.92 10.87
N PRO A 62 -2.20 9.48 10.97
CA PRO A 62 -1.57 10.21 9.84
C PRO A 62 -1.38 9.42 8.53
N ASN A 63 -1.38 8.08 8.61
CA ASN A 63 -1.15 7.23 7.44
C ASN A 63 -2.39 6.48 6.94
N ILE A 64 -3.55 6.96 7.36
CA ILE A 64 -4.84 6.48 6.88
C ILE A 64 -5.63 7.73 6.47
N VAL A 65 -6.30 7.67 5.32
CA VAL A 65 -7.05 8.82 4.78
C VAL A 65 -8.10 9.40 5.72
N LYS A 66 -8.20 10.73 5.72
CA LYS A 66 -9.24 11.44 6.46
C LYS A 66 -10.57 11.26 5.74
N LEU A 67 -11.60 11.00 6.53
CA LEU A 67 -12.99 11.07 6.08
C LEU A 67 -13.56 12.37 6.63
N TYR A 68 -13.91 13.29 5.73
CA TYR A 68 -14.49 14.57 6.14
C TYR A 68 -15.97 14.44 6.49
N GLY A 69 -16.69 13.66 5.68
CA GLY A 69 -18.10 13.38 5.91
C GLY A 69 -18.75 12.47 4.91
N ALA A 70 -20.07 12.36 4.99
CA ALA A 70 -20.86 11.53 4.08
C ALA A 70 -22.15 12.22 3.66
N CYS A 71 -22.42 12.17 2.36
CA CYS A 71 -23.69 12.58 1.78
C CYS A 71 -24.53 11.32 1.57
N LEU A 72 -25.83 11.40 1.86
CA LEU A 72 -26.72 10.24 1.80
C LEU A 72 -27.74 10.22 0.66
N ASN A 73 -27.82 11.34 -0.08
CA ASN A 73 -28.61 11.42 -1.31
C ASN A 73 -27.89 12.29 -2.36
N PRO A 74 -27.13 11.67 -3.28
CA PRO A 74 -26.86 10.21 -3.31
C PRO A 74 -25.81 9.78 -2.28
N VAL A 75 -25.83 8.50 -1.91
CA VAL A 75 -24.89 7.97 -0.89
C VAL A 75 -23.43 7.94 -1.38
N CYS A 76 -22.62 8.80 -0.77
CA CYS A 76 -21.20 8.94 -1.13
C CYS A 76 -20.32 9.42 0.03
N LEU A 77 -19.05 9.05 -0.02
CA LEU A 77 -18.05 9.43 0.99
C LEU A 77 -17.21 10.62 0.51
N VAL A 78 -17.04 11.60 1.40
CA VAL A 78 -16.22 12.78 1.11
C VAL A 78 -14.94 12.72 1.94
N MET A 79 -13.84 12.45 1.24
CA MET A 79 -12.54 12.21 1.87
C MET A 79 -11.50 13.22 1.42
N GLU A 80 -10.32 13.17 2.06
CA GLU A 80 -9.19 13.99 1.63
C GLU A 80 -8.70 13.55 0.25
N TYR A 81 -8.27 14.53 -0.53
CA TYR A 81 -7.75 14.30 -1.86
C TYR A 81 -6.23 14.03 -1.80
N ALA A 82 -5.81 13.00 -2.51
CA ALA A 82 -4.40 12.65 -2.61
C ALA A 82 -3.81 13.17 -3.90
N GLU A 83 -3.08 14.28 -3.80
CA GLU A 83 -2.55 15.00 -4.98
C GLU A 83 -1.57 14.19 -5.83
N GLY A 84 -0.80 13.29 -5.20
CA GLY A 84 0.17 12.45 -5.90
C GLY A 84 -0.37 11.17 -6.53
N GLY A 85 -1.64 10.88 -6.28
CA GLY A 85 -2.29 9.67 -6.80
C GLY A 85 -1.93 8.42 -6.03
N SER A 86 -2.18 7.26 -6.64
CA SER A 86 -1.83 5.97 -6.05
C SER A 86 -0.32 5.66 -6.20
N LEU A 87 0.17 4.74 -5.36
CA LEU A 87 1.53 4.24 -5.47
C LEU A 87 1.71 3.40 -6.72
N TYR A 88 0.67 2.67 -7.11
CA TYR A 88 0.71 1.85 -8.33
C TYR A 88 1.10 2.65 -9.57
N ASN A 89 0.49 3.82 -9.75
CA ASN A 89 0.83 4.71 -10.86
C ASN A 89 2.26 5.24 -10.79
N VAL A 90 2.71 5.61 -9.59
CA VAL A 90 4.09 6.05 -9.35
C VAL A 90 5.10 4.96 -9.74
N LEU A 91 4.79 3.72 -9.36
CA LEU A 91 5.65 2.59 -9.68
C LEU A 91 5.55 2.17 -11.14
N HIS A 92 4.33 1.83 -11.57
CA HIS A 92 4.09 1.09 -12.82
C HIS A 92 3.23 1.83 -13.86
N GLY A 93 2.88 3.08 -13.57
CA GLY A 93 1.97 3.86 -14.44
C GLY A 93 2.54 4.27 -15.79
N ALA A 94 1.90 5.28 -16.38
CA ALA A 94 2.29 5.78 -17.70
C ALA A 94 3.56 6.63 -17.64
N GLU A 95 4.36 6.54 -18.70
CA GLU A 95 5.54 7.38 -18.88
C GLU A 95 5.12 8.84 -19.15
N PRO A 96 5.83 9.84 -18.59
CA PRO A 96 7.07 9.67 -17.82
C PRO A 96 6.85 9.36 -16.34
N LEU A 97 7.65 8.41 -15.84
CA LEU A 97 7.60 7.96 -14.45
C LEU A 97 8.63 8.72 -13.58
N PRO A 98 8.28 8.99 -12.31
CA PRO A 98 9.26 9.65 -11.43
C PRO A 98 10.40 8.73 -10.96
N TYR A 99 11.57 9.33 -10.80
CA TYR A 99 12.72 8.70 -10.16
C TYR A 99 12.47 8.68 -8.66
N TYR A 100 12.81 7.57 -8.02
CA TYR A 100 12.84 7.49 -6.57
C TYR A 100 14.04 6.70 -6.06
N THR A 101 14.38 6.93 -4.80
CA THR A 101 15.56 6.36 -4.16
C THR A 101 15.19 5.23 -3.21
N ALA A 102 16.18 4.46 -2.77
CA ALA A 102 15.99 3.46 -1.70
C ALA A 102 15.34 4.08 -0.45
N ALA A 103 15.77 5.30 -0.10
CA ALA A 103 15.20 6.06 1.01
C ALA A 103 13.69 6.21 0.90
N HIS A 104 13.21 6.54 -0.30
CA HIS A 104 11.77 6.65 -0.57
C HIS A 104 11.07 5.31 -0.40
N ALA A 105 11.64 4.27 -1.01
CA ALA A 105 11.14 2.91 -0.93
C ALA A 105 10.95 2.45 0.51
N MET A 106 11.98 2.64 1.33
CA MET A 106 11.94 2.28 2.75
C MET A 106 10.91 3.09 3.52
N SER A 107 10.86 4.40 3.28
CA SER A 107 9.92 5.31 3.95
C SER A 107 8.47 4.99 3.65
N TRP A 108 8.18 4.66 2.39
CA TRP A 108 6.84 4.26 1.98
C TRP A 108 6.40 3.02 2.73
N CYS A 109 7.29 2.03 2.82
CA CYS A 109 7.02 0.79 3.55
C CYS A 109 6.91 0.99 5.05
N LEU A 110 7.65 1.95 5.59
CA LEU A 110 7.54 2.27 7.00
C LEU A 110 6.19 2.91 7.31
N GLN A 111 5.82 3.91 6.52
CA GLN A 111 4.55 4.63 6.69
C GLN A 111 3.34 3.70 6.53
N CYS A 112 3.46 2.76 5.59
CA CYS A 112 2.43 1.75 5.38
C CYS A 112 2.27 0.83 6.59
N SER A 113 3.39 0.32 7.10
CA SER A 113 3.40 -0.53 8.29
C SER A 113 2.88 0.18 9.53
N GLN A 114 3.20 1.48 9.67
CA GLN A 114 2.71 2.31 10.77
C GLN A 114 1.19 2.42 10.80
N GLY A 115 0.60 2.58 9.61
CA GLY A 115 -0.85 2.63 9.46
C GLY A 115 -1.50 1.30 9.79
N VAL A 116 -0.89 0.22 9.33
CA VAL A 116 -1.42 -1.13 9.56
C VAL A 116 -1.29 -1.54 11.03
N ALA A 117 -0.14 -1.27 11.64
CA ALA A 117 0.08 -1.51 13.08
C ALA A 117 -1.00 -0.86 13.94
N TYR A 118 -1.37 0.38 13.59
CA TYR A 118 -2.47 1.10 14.22
C TYR A 118 -3.80 0.35 14.11
N LEU A 119 -4.10 -0.16 12.90
CA LEU A 119 -5.31 -0.95 12.66
C LEU A 119 -5.36 -2.23 13.46
N HIS A 120 -4.20 -2.86 13.66
CA HIS A 120 -4.13 -4.13 14.39
C HIS A 120 -4.22 -3.95 15.90
N SER A 121 -4.15 -2.69 16.36
CA SER A 121 -4.19 -2.37 17.79
C SER A 121 -5.48 -1.66 18.22
N MET A 122 -6.54 -1.82 17.42
CA MET A 122 -7.86 -1.24 17.72
C MET A 122 -8.53 -1.95 18.91
N GLN A 123 -9.41 -1.23 19.59
CA GLN A 123 -10.17 -1.74 20.73
C GLN A 123 -11.67 -1.70 20.44
N PRO A 124 -12.44 -2.75 20.75
CA PRO A 124 -11.94 -3.97 21.43
C PRO A 124 -11.39 -5.07 20.50
N LYS A 125 -11.80 -5.06 19.23
CA LYS A 125 -11.27 -5.99 18.23
C LYS A 125 -10.43 -5.28 17.16
N ALA A 126 -9.37 -5.96 16.74
CA ALA A 126 -8.43 -5.47 15.73
C ALA A 126 -9.08 -5.34 14.37
N LEU A 127 -8.62 -4.36 13.59
CA LEU A 127 -9.03 -4.23 12.19
C LEU A 127 -8.00 -4.83 11.24
N ILE A 128 -8.48 -5.74 10.40
CA ILE A 128 -7.67 -6.34 9.35
C ILE A 128 -8.07 -5.69 8.02
N HIS A 129 -7.07 -5.20 7.29
CA HIS A 129 -7.30 -4.52 6.02
C HIS A 129 -7.73 -5.48 4.92
N ARG A 130 -7.05 -6.63 4.82
CA ARG A 130 -7.37 -7.71 3.86
C ARG A 130 -7.02 -7.43 2.39
N ASP A 131 -6.77 -6.16 2.05
CA ASP A 131 -6.52 -5.77 0.66
C ASP A 131 -5.38 -4.75 0.52
N LEU A 132 -4.23 -5.06 1.11
CA LEU A 132 -3.04 -4.21 1.01
C LEU A 132 -2.29 -4.46 -0.28
N LYS A 133 -2.26 -3.44 -1.14
CA LYS A 133 -1.60 -3.47 -2.44
C LYS A 133 -1.38 -2.02 -2.90
N PRO A 134 -0.40 -1.77 -3.80
CA PRO A 134 -0.14 -0.38 -4.19
C PRO A 134 -1.31 0.44 -4.77
N PRO A 135 -2.29 -0.18 -5.47
CA PRO A 135 -3.47 0.61 -5.86
C PRO A 135 -4.25 1.26 -4.72
N ASN A 136 -4.19 0.68 -3.52
CA ASN A 136 -4.87 1.21 -2.34
C ASN A 136 -3.96 2.01 -1.42
N LEU A 137 -2.74 2.32 -1.88
CA LEU A 137 -1.83 3.18 -1.14
C LEU A 137 -1.69 4.48 -1.91
N LEU A 138 -1.98 5.59 -1.23
CA LEU A 138 -2.00 6.92 -1.86
C LEU A 138 -0.83 7.77 -1.42
N LEU A 139 -0.43 8.71 -2.26
CA LEU A 139 0.70 9.59 -1.96
C LEU A 139 0.30 11.06 -1.90
N VAL A 140 0.77 11.75 -0.88
CA VAL A 140 0.61 13.20 -0.71
C VAL A 140 1.97 13.85 -0.41
N ALA A 141 1.98 15.17 -0.23
CA ALA A 141 3.17 15.96 0.13
C ALA A 141 4.36 15.72 -0.80
N GLY A 142 4.10 15.78 -2.11
CA GLY A 142 5.13 15.60 -3.14
C GLY A 142 5.65 14.18 -3.28
N GLY A 143 4.86 13.21 -2.82
CA GLY A 143 5.21 11.79 -2.86
C GLY A 143 5.91 11.26 -1.61
N THR A 144 6.08 12.12 -0.60
CA THR A 144 6.83 11.78 0.61
C THR A 144 5.97 11.10 1.68
N VAL A 145 4.66 11.34 1.64
CA VAL A 145 3.75 10.81 2.65
C VAL A 145 2.78 9.83 2.01
N LEU A 146 2.66 8.66 2.64
CA LEU A 146 1.78 7.60 2.15
C LEU A 146 0.58 7.44 3.07
N LYS A 147 -0.59 7.23 2.46
CA LYS A 147 -1.86 7.00 3.14
C LYS A 147 -2.47 5.70 2.66
N ILE A 148 -3.10 4.98 3.58
CA ILE A 148 -3.85 3.76 3.27
C ILE A 148 -5.34 4.09 3.10
N CYS A 149 -5.97 3.45 2.12
CA CYS A 149 -7.39 3.63 1.81
C CYS A 149 -7.99 2.30 1.32
N ASP A 150 -9.25 2.34 0.88
CA ASP A 150 -9.98 1.19 0.28
C ASP A 150 -9.95 -0.09 1.14
N PHE A 151 -10.62 -0.04 2.28
CA PHE A 151 -10.64 -1.17 3.22
C PHE A 151 -11.36 -2.38 2.61
N GLY A 152 -10.66 -3.52 2.61
CA GLY A 152 -11.15 -4.77 2.03
C GLY A 152 -12.28 -5.46 2.78
N THR A 153 -12.55 -5.00 4.00
CA THR A 153 -13.65 -5.51 4.82
C THR A 153 -15.02 -5.11 4.24
N GLY A 166 -8.56 -9.06 -8.53
CA GLY A 166 -7.20 -8.86 -9.02
C GLY A 166 -6.18 -8.59 -7.91
N SER A 167 -6.39 -9.21 -6.77
CA SER A 167 -5.54 -9.03 -5.58
C SER A 167 -4.72 -10.28 -5.23
N ALA A 168 -4.70 -11.27 -6.14
CA ALA A 168 -4.08 -12.57 -5.90
C ALA A 168 -2.56 -12.50 -5.69
N ALA A 169 -1.92 -11.50 -6.31
CA ALA A 169 -0.48 -11.30 -6.22
C ALA A 169 0.00 -10.90 -4.83
N TRP A 170 -0.89 -10.28 -4.05
CA TRP A 170 -0.59 -9.80 -2.70
C TRP A 170 -1.24 -10.63 -1.59
N MET A 171 -2.14 -11.53 -1.98
CA MET A 171 -2.99 -12.25 -1.03
C MET A 171 -2.26 -13.43 -0.41
N ALA A 172 -2.38 -13.54 0.92
CA ALA A 172 -1.83 -14.66 1.70
C ALA A 172 -2.52 -15.98 1.34
N PRO A 173 -1.76 -17.09 1.29
CA PRO A 173 -2.33 -18.39 0.86
C PRO A 173 -3.54 -18.87 1.67
N GLU A 174 -3.57 -18.56 2.97
CA GLU A 174 -4.69 -18.94 3.82
C GLU A 174 -5.99 -18.17 3.53
N VAL A 175 -5.87 -16.99 2.92
CA VAL A 175 -7.05 -16.16 2.62
C VAL A 175 -7.83 -16.76 1.47
N PHE A 176 -7.17 -16.97 0.32
CA PHE A 176 -7.84 -17.56 -0.84
C PHE A 176 -8.14 -19.07 -0.70
N GLU A 177 -7.63 -19.68 0.35
CA GLU A 177 -8.02 -21.04 0.76
C GLU A 177 -9.41 -21.08 1.42
N GLY A 178 -9.95 -19.90 1.74
CA GLY A 178 -11.19 -19.80 2.53
C GLY A 178 -10.96 -20.18 3.98
N SER A 179 -9.71 -20.54 4.30
CA SER A 179 -9.26 -20.94 5.63
C SER A 179 -9.31 -19.80 6.65
N ASN A 180 -9.24 -20.17 7.93
CA ASN A 180 -9.20 -19.23 9.05
C ASN A 180 -7.93 -18.37 9.03
N TYR A 181 -8.13 -17.06 8.95
CA TYR A 181 -7.02 -16.11 8.89
C TYR A 181 -7.07 -15.05 9.99
N SER A 182 -5.88 -14.65 10.43
CA SER A 182 -5.70 -13.56 11.39
C SER A 182 -5.18 -12.32 10.68
N GLU A 183 -4.77 -11.32 11.46
CA GLU A 183 -4.13 -10.11 10.95
C GLU A 183 -2.76 -10.34 10.29
N LYS A 184 -2.24 -11.56 10.44
CA LYS A 184 -0.96 -11.96 9.84
C LYS A 184 -0.99 -12.05 8.30
N CYS A 185 -2.19 -11.96 7.73
CA CYS A 185 -2.35 -11.93 6.28
C CYS A 185 -1.97 -10.56 5.71
N ASP A 186 -2.21 -9.51 6.48
CA ASP A 186 -1.76 -8.15 6.16
C ASP A 186 -0.23 -8.07 6.08
N VAL A 187 0.45 -8.82 6.96
CA VAL A 187 1.90 -8.93 7.02
C VAL A 187 2.48 -9.56 5.73
N PHE A 188 1.83 -10.61 5.22
CA PHE A 188 2.21 -11.22 3.95
C PHE A 188 2.16 -10.21 2.80
N SER A 189 1.09 -9.42 2.74
CA SER A 189 0.91 -8.41 1.69
C SER A 189 2.02 -7.36 1.75
N TRP A 190 2.34 -6.93 2.96
CA TRP A 190 3.43 -5.98 3.20
C TRP A 190 4.79 -6.48 2.66
N GLY A 191 5.07 -7.78 2.84
CA GLY A 191 6.28 -8.40 2.31
C GLY A 191 6.40 -8.30 0.79
N ILE A 192 5.27 -8.54 0.10
CA ILE A 192 5.17 -8.43 -1.36
C ILE A 192 5.36 -6.97 -1.81
N ILE A 193 4.69 -6.03 -1.13
CA ILE A 193 4.81 -4.59 -1.41
C ILE A 193 6.26 -4.12 -1.26
N LEU A 194 6.96 -4.62 -0.23
CA LEU A 194 8.38 -4.33 -0.01
C LEU A 194 9.25 -4.80 -1.16
N TRP A 195 9.02 -6.03 -1.62
CA TRP A 195 9.72 -6.58 -2.79
C TRP A 195 9.43 -5.70 -4.01
N GLU A 196 8.18 -5.27 -4.13
CA GLU A 196 7.68 -4.53 -5.27
C GLU A 196 8.33 -3.15 -5.42
N VAL A 197 8.42 -2.39 -4.34
CA VAL A 197 9.04 -1.04 -4.40
C VAL A 197 10.56 -1.08 -4.58
N ILE A 198 11.21 -2.09 -4.01
CA ILE A 198 12.66 -2.28 -4.16
C ILE A 198 13.04 -2.61 -5.62
N THR A 199 12.22 -3.44 -6.28
CA THR A 199 12.48 -3.89 -7.65
C THR A 199 11.78 -3.09 -8.74
N ARG A 200 10.75 -2.33 -8.36
CA ARG A 200 9.83 -1.65 -9.30
C ARG A 200 9.25 -2.60 -10.38
N ARG A 201 8.99 -3.84 -9.97
CA ARG A 201 8.37 -4.85 -10.83
C ARG A 201 6.97 -5.19 -10.33
N LYS A 202 6.09 -5.61 -11.23
CA LYS A 202 4.78 -6.10 -10.85
C LYS A 202 4.96 -7.55 -10.37
N PRO A 203 4.53 -7.85 -9.11
CA PRO A 203 4.66 -9.22 -8.60
C PRO A 203 3.87 -10.22 -9.44
N PHE A 204 4.55 -11.31 -9.80
CA PHE A 204 4.03 -12.40 -10.67
C PHE A 204 3.49 -11.88 -12.01
N ASP A 205 4.29 -11.04 -12.67
CA ASP A 205 3.96 -10.52 -13.99
C ASP A 205 4.22 -11.57 -15.07
N GLU A 206 5.24 -12.39 -14.84
CA GLU A 206 5.63 -13.50 -15.72
C GLU A 206 4.57 -14.61 -15.79
N ILE A 207 3.78 -14.77 -14.73
CA ILE A 207 2.68 -15.74 -14.70
C ILE A 207 1.45 -15.13 -15.37
N GLY A 208 1.15 -15.64 -16.56
CA GLY A 208 0.03 -15.15 -17.37
C GLY A 208 -1.31 -15.75 -16.97
N GLY A 209 -2.28 -15.64 -17.88
CA GLY A 209 -3.64 -16.16 -17.66
C GLY A 209 -4.42 -15.43 -16.57
N PRO A 210 -5.44 -16.10 -15.99
CA PRO A 210 -6.27 -15.52 -14.93
C PRO A 210 -5.74 -15.77 -13.50
N ALA A 211 -6.49 -15.26 -12.52
CA ALA A 211 -6.09 -15.22 -11.11
C ALA A 211 -5.70 -16.56 -10.47
N PHE A 212 -6.41 -17.63 -10.82
CA PHE A 212 -6.19 -18.96 -10.23
C PHE A 212 -4.79 -19.54 -10.48
N ARG A 213 -4.13 -19.05 -11.53
CA ARG A 213 -2.77 -19.47 -11.89
C ARG A 213 -1.74 -18.95 -10.87
N ILE A 214 -1.95 -17.72 -10.40
CA ILE A 214 -1.15 -17.11 -9.34
C ILE A 214 -1.43 -17.85 -8.02
N MET A 215 -2.72 -18.00 -7.71
CA MET A 215 -3.19 -18.67 -6.49
C MET A 215 -2.61 -20.07 -6.33
N TRP A 216 -2.61 -20.84 -7.43
CA TRP A 216 -1.99 -22.16 -7.46
C TRP A 216 -0.49 -22.09 -7.17
N ALA A 217 0.18 -21.13 -7.80
CA ALA A 217 1.63 -20.97 -7.67
C ALA A 217 2.06 -20.65 -6.23
N VAL A 218 1.45 -19.61 -5.65
CA VAL A 218 1.71 -19.18 -4.27
C VAL A 218 1.39 -20.28 -3.25
N HIS A 219 0.32 -21.03 -3.52
CA HIS A 219 -0.09 -22.18 -2.70
C HIS A 219 0.94 -23.31 -2.65
N ASN A 220 1.71 -23.48 -3.73
CA ASN A 220 2.83 -24.42 -3.78
C ASN A 220 4.09 -23.92 -3.09
N GLY A 221 4.15 -22.62 -2.81
CA GLY A 221 5.29 -21.98 -2.15
C GLY A 221 6.12 -21.12 -3.09
N THR A 222 5.55 -20.78 -4.25
CA THR A 222 6.18 -19.85 -5.18
C THR A 222 6.13 -18.45 -4.57
N ARG A 223 7.31 -17.86 -4.48
CA ARG A 223 7.49 -16.49 -3.99
C ARG A 223 8.22 -15.69 -5.06
N PRO A 224 8.20 -14.33 -4.95
CA PRO A 224 8.98 -13.48 -5.86
C PRO A 224 10.48 -13.84 -5.88
N PRO A 225 11.18 -13.56 -7.00
CA PRO A 225 12.63 -13.82 -7.06
C PRO A 225 13.38 -13.01 -6.03
N LEU A 226 14.44 -13.60 -5.46
CA LEU A 226 15.30 -12.89 -4.52
C LEU A 226 16.09 -11.79 -5.24
N ILE A 227 16.54 -10.79 -4.49
CA ILE A 227 17.11 -9.58 -5.07
C ILE A 227 18.62 -9.61 -4.90
N LYS A 228 19.34 -9.36 -6.00
CA LYS A 228 20.79 -9.23 -6.00
C LYS A 228 21.23 -8.03 -5.17
N ASN A 229 22.26 -8.24 -4.35
CA ASN A 229 22.91 -7.20 -3.53
C ASN A 229 22.00 -6.59 -2.43
N LEU A 230 20.92 -7.30 -2.08
CA LEU A 230 20.00 -6.82 -1.04
C LEU A 230 20.57 -7.09 0.34
N PRO A 231 20.59 -6.06 1.21
CA PRO A 231 21.02 -6.19 2.62
C PRO A 231 20.31 -7.31 3.38
N LYS A 232 21.11 -8.16 4.03
CA LYS A 232 20.62 -9.35 4.73
C LYS A 232 19.53 -9.08 5.78
N PRO A 233 19.63 -7.99 6.59
CA PRO A 233 18.49 -7.69 7.48
C PRO A 233 17.16 -7.41 6.77
N ILE A 234 17.21 -6.76 5.61
CA ILE A 234 16.02 -6.52 4.78
C ILE A 234 15.52 -7.83 4.18
N GLU A 235 16.43 -8.62 3.62
CA GLU A 235 16.09 -9.93 3.04
C GLU A 235 15.46 -10.85 4.08
N SER A 236 16.05 -10.85 5.28
CA SER A 236 15.60 -11.67 6.40
C SER A 236 14.15 -11.35 6.77
N LEU A 237 13.85 -10.06 6.86
CA LEU A 237 12.52 -9.56 7.20
C LEU A 237 11.49 -9.88 6.11
N MET A 238 11.88 -9.66 4.85
CA MET A 238 11.04 -9.89 3.68
C MET A 238 10.57 -11.35 3.60
N THR A 239 11.51 -12.28 3.68
CA THR A 239 11.22 -13.71 3.57
C THR A 239 10.47 -14.27 4.79
N ARG A 240 10.69 -13.65 5.95
CA ARG A 240 9.91 -13.95 7.17
C ARG A 240 8.44 -13.61 6.99
N CYS A 241 8.19 -12.46 6.37
CA CYS A 241 6.84 -11.96 6.13
C CYS A 241 6.03 -12.84 5.19
N TRP A 242 6.71 -13.55 4.30
CA TRP A 242 5.97 -14.39 3.37
C TRP A 242 6.07 -15.90 3.59
N SER A 243 6.20 -16.25 4.87
CA SER A 243 6.11 -17.63 5.37
C SER A 243 4.72 -18.23 5.13
N LYS A 244 4.69 -19.52 4.79
CA LYS A 244 3.43 -20.26 4.65
C LYS A 244 2.63 -20.28 5.96
N ASP A 245 3.31 -20.63 7.06
CA ASP A 245 2.72 -20.64 8.39
C ASP A 245 2.59 -19.20 8.92
N PRO A 246 1.35 -18.72 9.14
CA PRO A 246 1.10 -17.36 9.65
C PRO A 246 1.76 -17.05 10.99
N SER A 247 2.02 -18.08 11.79
CA SER A 247 2.68 -17.97 13.08
C SER A 247 4.12 -17.48 12.96
N GLN A 248 4.81 -17.99 11.94
CA GLN A 248 6.22 -17.66 11.67
C GLN A 248 6.46 -16.23 11.14
N ARG A 249 5.37 -15.52 10.83
CA ARG A 249 5.46 -14.13 10.35
C ARG A 249 5.52 -13.16 11.54
N PRO A 250 6.35 -12.10 11.44
CA PRO A 250 6.39 -11.10 12.51
C PRO A 250 5.13 -10.24 12.55
N SER A 251 4.79 -9.74 13.73
CA SER A 251 3.69 -8.79 13.88
C SER A 251 4.08 -7.43 13.32
N MET A 252 3.08 -6.59 13.05
CA MET A 252 3.31 -5.25 12.50
C MET A 252 4.07 -4.33 13.45
N GLU A 253 3.83 -4.48 14.76
CA GLU A 253 4.54 -3.71 15.78
C GLU A 253 6.05 -3.94 15.69
N GLU A 254 6.44 -5.19 15.41
CA GLU A 254 7.83 -5.56 15.23
C GLU A 254 8.41 -4.96 13.94
N ILE A 255 7.65 -5.07 12.85
CA ILE A 255 8.01 -4.47 11.56
C ILE A 255 8.24 -2.96 11.71
N VAL A 256 7.30 -2.25 12.33
CA VAL A 256 7.43 -0.80 12.56
C VAL A 256 8.72 -0.46 13.31
N LYS A 257 9.06 -1.23 14.34
CA LYS A 257 10.29 -1.03 15.11
C LYS A 257 11.56 -1.23 14.28
N ILE A 258 11.62 -2.33 13.52
CA ILE A 258 12.76 -2.64 12.66
C ILE A 258 12.97 -1.55 11.60
N MET A 259 11.90 -1.21 10.90
CA MET A 259 11.92 -0.21 9.82
C MET A 259 12.29 1.18 10.31
N THR A 260 11.81 1.55 11.50
CA THR A 260 12.18 2.82 12.14
C THR A 260 13.69 2.90 12.34
N HIS A 261 14.27 1.82 12.85
CA HIS A 261 15.70 1.76 13.14
C HIS A 261 16.60 1.66 11.92
N LEU A 262 16.06 1.13 10.81
CA LEU A 262 16.80 1.08 9.54
C LEU A 262 16.86 2.44 8.85
N MET A 263 15.90 3.32 9.13
CA MET A 263 15.83 4.66 8.52
C MET A 263 17.04 5.54 8.79
N ARG A 264 17.81 5.18 9.83
CA ARG A 264 19.11 5.78 10.12
C ARG A 264 20.09 5.62 8.94
N TYR A 265 19.95 4.53 8.20
CA TYR A 265 20.83 4.21 7.08
C TYR A 265 20.19 4.51 5.73
N PHE A 266 19.07 5.23 5.77
CA PHE A 266 18.36 5.67 4.57
C PHE A 266 17.93 7.12 4.73
N PRO A 267 18.88 8.09 4.65
CA PRO A 267 18.48 9.48 4.69
C PRO A 267 17.96 10.01 3.34
N GLY A 268 17.22 11.12 3.38
CA GLY A 268 16.70 11.78 2.18
C GLY A 268 15.29 11.39 1.79
N ALA A 269 14.58 10.73 2.70
CA ALA A 269 13.22 10.24 2.44
C ALA A 269 12.17 11.34 2.32
N ASP A 270 12.56 12.56 2.69
CA ASP A 270 11.69 13.75 2.68
C ASP A 270 11.86 14.63 1.42
N GLU A 271 12.71 14.21 0.50
CA GLU A 271 12.87 14.89 -0.77
C GLU A 271 11.71 14.54 -1.72
N PRO A 272 10.96 15.56 -2.19
CA PRO A 272 9.80 15.30 -3.07
C PRO A 272 10.21 14.69 -4.41
N LEU A 273 9.31 13.90 -5.01
CA LEU A 273 9.54 13.31 -6.32
C LEU A 273 9.42 14.38 -7.40
N GLN A 274 10.51 14.60 -8.14
CA GLN A 274 10.62 15.72 -9.09
C GLN A 274 11.53 15.44 -10.28
N TYR A 275 12.30 14.35 -10.21
CA TYR A 275 13.26 14.02 -11.25
C TYR A 275 12.68 12.99 -12.22
N PRO A 276 12.95 13.16 -13.53
CA PRO A 276 12.49 12.19 -14.52
C PRO A 276 13.26 10.88 -14.44
N CYS A 277 12.68 9.83 -15.02
CA CYS A 277 13.28 8.50 -15.05
C CYS A 277 12.78 7.77 -16.27
N GLN A 278 13.71 7.35 -17.12
CA GLN A 278 13.39 6.52 -18.28
C GLN A 278 13.75 5.10 -17.89
N HIS A 279 12.73 4.28 -17.66
CA HIS A 279 12.91 2.98 -17.05
C HIS A 279 12.66 1.81 -18.00
N SER A 280 13.72 1.06 -18.29
CA SER A 280 13.63 -0.19 -19.05
C SER A 280 13.94 -1.36 -18.14
N LEU A 281 13.13 -2.41 -18.25
CA LEU A 281 13.21 -3.57 -17.35
C LEU A 281 14.09 -4.69 -17.93
N PRO A 282 15.25 -4.96 -17.29
CA PRO A 282 16.11 -6.06 -17.75
C PRO A 282 15.56 -7.44 -17.33
N PRO A 283 15.97 -8.52 -18.04
CA PRO A 283 15.58 -9.88 -17.58
C PRO A 283 16.35 -10.33 -16.32
N GLY A 284 15.82 -11.34 -15.64
CA GLY A 284 16.46 -11.93 -14.45
C GLY A 284 17.53 -12.94 -14.84
N GLU A 285 18.78 -12.60 -14.55
CA GLU A 285 19.97 -13.36 -14.97
C GLU A 285 19.96 -14.82 -14.49
N ASP A 286 20.00 -15.02 -13.17
CA ASP A 286 19.87 -16.34 -12.55
C ASP A 286 18.38 -16.57 -12.24
N GLY A 287 18.09 -16.95 -10.99
CA GLY A 287 16.72 -16.91 -10.48
C GLY A 287 16.51 -15.64 -9.67
N ARG A 288 17.43 -14.69 -9.84
CA ARG A 288 17.45 -13.43 -9.09
C ARG A 288 17.25 -12.22 -9.98
N VAL A 289 16.87 -11.10 -9.37
CA VAL A 289 16.69 -9.81 -10.06
C VAL A 289 17.56 -8.71 -9.45
N GLU A 290 17.94 -7.75 -10.28
CA GLU A 290 18.65 -6.55 -9.84
C GLU A 290 17.60 -5.57 -9.27
N PRO A 291 17.93 -4.84 -8.18
CA PRO A 291 16.95 -3.87 -7.67
C PRO A 291 16.86 -2.63 -8.57
N TYR A 292 15.75 -1.90 -8.47
CA TYR A 292 15.67 -0.58 -9.11
C TYR A 292 16.48 0.42 -8.28
N VAL A 293 16.33 0.34 -6.96
CA VAL A 293 17.04 1.23 -6.04
C VAL A 293 18.50 0.79 -5.84
N ASP A 294 19.33 1.68 -5.29
CA ASP A 294 20.76 1.41 -5.08
C ASP A 294 21.08 1.34 -3.58
N PHE A 295 21.82 0.32 -3.18
CA PHE A 295 22.13 0.09 -1.77
C PHE A 295 23.56 0.45 -1.37
N ALA A 296 24.34 1.00 -2.29
CA ALA A 296 25.72 1.45 -2.03
C ALA A 296 25.83 2.41 -0.85
N GLU A 297 24.91 3.38 -0.76
CA GLU A 297 24.92 4.36 0.33
C GLU A 297 24.58 3.72 1.68
N PHE A 298 23.67 2.74 1.66
CA PHE A 298 23.31 1.98 2.86
C PHE A 298 24.54 1.29 3.45
N TYR A 299 25.25 0.51 2.63
CA TYR A 299 26.42 -0.23 3.04
C TYR A 299 27.53 0.68 3.56
N ARG A 300 27.62 1.89 2.99
CA ARG A 300 28.60 2.90 3.38
C ARG A 300 28.33 3.42 4.78
N LEU A 301 27.07 3.81 5.03
CA LEU A 301 26.62 4.34 6.33
C LEU A 301 26.61 3.27 7.42
N TRP A 302 26.31 2.04 7.02
CA TRP A 302 26.32 0.88 7.91
C TRP A 302 27.73 0.59 8.44
N SER A 303 28.70 0.47 7.54
CA SER A 303 30.09 0.19 7.93
C SER A 303 30.74 1.30 8.77
N VAL A 304 30.31 2.54 8.55
CA VAL A 304 30.71 3.69 9.39
C VAL A 304 30.24 3.51 10.85
N ASP A 305 29.02 3.03 11.04
CA ASP A 305 28.49 2.73 12.38
C ASP A 305 29.09 1.47 13.00
N HIS A 306 29.30 0.43 12.18
CA HIS A 306 29.71 -0.89 12.67
C HIS A 306 31.20 -1.16 12.42
N GLY A 307 32.01 -0.83 13.43
CA GLY A 307 33.47 -1.07 13.40
C GLY A 307 34.23 -0.20 12.42
#